data_3TRB
#
_entry.id   3TRB
#
_cell.length_a   44.669
_cell.length_b   44.669
_cell.length_c   221.657
_cell.angle_alpha   90.000
_cell.angle_beta   90.000
_cell.angle_gamma   90.000
#
_symmetry.space_group_name_H-M   'P 41 21 2'
#
loop_
_entity.id
_entity.type
_entity.pdbx_description
1 polymer 'Virulence-associated protein I'
2 water water
#
_entity_poly.entity_id   1
_entity_poly.type   'polypeptide(L)'
_entity_poly.pdbx_seq_one_letter_code
;SNA(MSE)AANR(MSE)RPIHPGEILAEELGFLDK(MSE)SANQLAKHLAIPTNRVTAILNGARSITADTALRLAKFFGT
TPEFWLNLQDAYDIK(MSE)ALKKSGKKIEKEVTPYDQAA
;
_entity_poly.pdbx_strand_id   A,B
#
# COMPACT_ATOMS: atom_id res chain seq x y z
N MSE A 9 -2.83 2.18 -19.23
CA MSE A 9 -3.55 3.39 -18.86
C MSE A 9 -2.77 4.24 -17.86
O MSE A 9 -1.93 3.72 -17.12
CB MSE A 9 -4.93 3.06 -18.31
CG MSE A 9 -5.60 4.20 -17.56
SE MSE A 9 -7.55 4.22 -17.74
CE MSE A 9 -7.67 4.49 -19.66
N ARG A 10 -3.04 5.54 -17.87
CA ARG A 10 -2.42 6.47 -16.94
C ARG A 10 -2.69 6.09 -15.48
N PRO A 11 -1.81 6.54 -14.58
CA PRO A 11 -2.06 6.34 -13.14
C PRO A 11 -3.30 7.09 -12.68
N ILE A 12 -4.16 6.41 -11.94
CA ILE A 12 -5.34 7.05 -11.38
C ILE A 12 -5.18 7.17 -9.87
N HIS A 13 -4.93 8.39 -9.40
CA HIS A 13 -4.80 8.60 -7.95
C HIS A 13 -6.16 8.35 -7.29
N PRO A 14 -6.15 7.66 -6.14
CA PRO A 14 -7.38 7.34 -5.42
C PRO A 14 -8.25 8.58 -5.19
N GLY A 15 -7.61 9.73 -5.01
CA GLY A 15 -8.34 10.97 -4.79
C GLY A 15 -9.26 11.31 -5.95
N GLU A 16 -8.87 10.90 -7.15
CA GLU A 16 -9.71 11.08 -8.34
C GLU A 16 -11.01 10.32 -8.17
N ILE A 17 -10.89 9.06 -7.76
CA ILE A 17 -12.05 8.20 -7.58
C ILE A 17 -12.90 8.66 -6.39
N LEU A 18 -12.22 9.10 -5.33
CA LEU A 18 -12.92 9.63 -4.16
C LEU A 18 -13.74 10.85 -4.54
N ALA A 19 -13.16 11.73 -5.35
CA ALA A 19 -13.85 12.94 -5.80
C ALA A 19 -15.13 12.59 -6.55
N GLU A 20 -15.04 11.62 -7.46
CA GLU A 20 -16.19 11.19 -8.24
C GLU A 20 -17.30 10.68 -7.33
N GLU A 21 -16.92 9.92 -6.30
CA GLU A 21 -17.88 9.38 -5.35
C GLU A 21 -18.58 10.49 -4.56
N LEU A 22 -17.79 11.45 -4.08
CA LEU A 22 -18.35 12.58 -3.34
C LEU A 22 -19.36 13.33 -4.19
N GLY A 23 -19.02 13.55 -5.45
CA GLY A 23 -19.89 14.25 -6.38
C GLY A 23 -21.25 13.59 -6.49
N PHE A 24 -21.25 12.27 -6.54
CA PHE A 24 -22.49 11.50 -6.68
C PHE A 24 -23.36 11.60 -5.43
N LEU A 25 -22.72 11.73 -4.27
CA LEU A 25 -23.43 11.83 -3.01
C LEU A 25 -23.84 13.26 -2.69
N ASP A 26 -24.70 13.83 -3.54
CA ASP A 26 -25.20 15.19 -3.34
C ASP A 26 -24.07 16.22 -3.26
N LYS A 27 -23.09 16.09 -4.15
CA LYS A 27 -21.97 17.03 -4.20
C LYS A 27 -21.38 17.28 -2.81
N MSE A 28 -20.95 16.21 -2.15
CA MSE A 28 -20.37 16.33 -0.82
C MSE A 28 -19.02 17.03 -0.85
O MSE A 28 -18.17 16.72 -1.69
CB MSE A 28 -20.23 14.95 -0.17
CG MSE A 28 -19.58 14.98 1.19
SE MSE A 28 -19.60 13.24 2.08
CE MSE A 28 -21.52 13.06 2.36
N SER A 29 -18.83 18.00 0.05
CA SER A 29 -17.60 18.78 0.08
C SER A 29 -16.49 18.05 0.84
N ALA A 30 -15.28 18.60 0.77
CA ALA A 30 -14.15 18.05 1.50
C ALA A 30 -14.38 18.17 3.01
N ASN A 31 -14.92 19.31 3.43
CA ASN A 31 -15.25 19.53 4.83
C ASN A 31 -16.27 18.54 5.36
N GLN A 32 -17.32 18.30 4.57
CA GLN A 32 -18.35 17.35 4.95
C GLN A 32 -17.78 15.96 5.17
N LEU A 33 -16.97 15.50 4.23
CA LEU A 33 -16.34 14.19 4.33
C LEU A 33 -15.42 14.11 5.54
N ALA A 34 -14.62 15.16 5.73
CA ALA A 34 -13.68 15.22 6.84
C ALA A 34 -14.38 15.07 8.18
N LYS A 35 -15.53 15.73 8.32
CA LYS A 35 -16.33 15.60 9.54
C LYS A 35 -16.87 14.17 9.69
N HIS A 36 -17.36 13.61 8.60
CA HIS A 36 -17.88 12.25 8.60
C HIS A 36 -16.80 11.24 9.01
N LEU A 37 -15.58 11.46 8.53
CA LEU A 37 -14.47 10.54 8.79
C LEU A 37 -13.73 10.89 10.07
N ALA A 38 -13.99 12.08 10.60
CA ALA A 38 -13.31 12.55 11.79
C ALA A 38 -11.81 12.73 11.55
N ILE A 39 -11.47 13.37 10.43
CA ILE A 39 -10.08 13.68 10.11
C ILE A 39 -9.98 15.13 9.64
N PRO A 40 -8.77 15.71 9.72
CA PRO A 40 -8.59 17.10 9.30
C PRO A 40 -9.02 17.29 7.86
N THR A 41 -9.66 18.43 7.58
CA THR A 41 -10.07 18.75 6.21
C THR A 41 -8.85 18.74 5.30
N ASN A 42 -7.72 19.18 5.84
CA ASN A 42 -6.47 19.19 5.10
C ASN A 42 -6.10 17.82 4.52
N ARG A 43 -6.35 16.77 5.30
CA ARG A 43 -6.05 15.41 4.87
C ARG A 43 -6.91 14.99 3.69
N VAL A 44 -8.21 15.31 3.76
CA VAL A 44 -9.12 15.01 2.67
C VAL A 44 -8.74 15.79 1.41
N THR A 45 -8.50 17.08 1.58
CA THR A 45 -8.11 17.94 0.45
C THR A 45 -6.83 17.45 -0.21
N ALA A 46 -5.86 17.06 0.59
CA ALA A 46 -4.58 16.57 0.08
C ALA A 46 -4.78 15.31 -0.76
N ILE A 47 -5.63 14.41 -0.27
CA ILE A 47 -5.93 13.18 -0.99
C ILE A 47 -6.66 13.48 -2.30
N LEU A 48 -7.62 14.38 -2.24
CA LEU A 48 -8.38 14.77 -3.42
C LEU A 48 -7.48 15.39 -4.50
N ASN A 49 -6.46 16.13 -4.05
CA ASN A 49 -5.56 16.79 -4.98
C ASN A 49 -4.37 15.92 -5.39
N GLY A 50 -4.37 14.68 -4.92
CA GLY A 50 -3.32 13.73 -5.26
C GLY A 50 -1.98 14.08 -4.64
N ALA A 51 -2.03 14.80 -3.52
CA ALA A 51 -0.81 15.23 -2.84
C ALA A 51 -0.47 14.33 -1.65
N ARG A 52 -1.39 13.44 -1.30
N ARG A 52 -1.38 13.41 -1.34
CA ARG A 52 -1.14 12.48 -0.23
CA ARG A 52 -1.26 12.52 -0.18
C ARG A 52 -1.78 11.14 -0.53
C ARG A 52 -1.83 11.14 -0.50
N SER A 53 -1.23 10.10 0.07
CA SER A 53 -1.69 8.73 -0.17
C SER A 53 -2.79 8.32 0.80
N ILE A 54 -3.48 7.23 0.48
CA ILE A 54 -4.44 6.65 1.39
C ILE A 54 -3.73 5.66 2.32
N THR A 55 -3.65 6.01 3.60
CA THR A 55 -3.04 5.13 4.58
C THR A 55 -4.06 4.09 5.04
N ALA A 56 -3.60 3.10 5.80
CA ALA A 56 -4.49 2.07 6.32
C ALA A 56 -5.57 2.66 7.21
N ASP A 57 -5.21 3.68 7.99
CA ASP A 57 -6.16 4.34 8.87
C ASP A 57 -7.27 5.02 8.07
N THR A 58 -6.88 5.71 7.00
CA THR A 58 -7.85 6.38 6.15
C THR A 58 -8.73 5.37 5.42
N ALA A 59 -8.11 4.27 5.00
CA ALA A 59 -8.84 3.21 4.31
C ALA A 59 -9.95 2.64 5.20
N LEU A 60 -9.63 2.43 6.46
CA LEU A 60 -10.60 1.89 7.42
C LEU A 60 -11.76 2.86 7.63
N ARG A 61 -11.45 4.15 7.67
CA ARG A 61 -12.47 5.17 7.86
C ARG A 61 -13.38 5.28 6.62
N LEU A 62 -12.75 5.29 5.45
CA LEU A 62 -13.49 5.32 4.19
C LEU A 62 -14.38 4.09 4.05
N ALA A 63 -13.85 2.93 4.44
CA ALA A 63 -14.60 1.68 4.38
C ALA A 63 -15.86 1.74 5.23
N LYS A 64 -15.72 2.27 6.44
CA LYS A 64 -16.84 2.38 7.38
C LYS A 64 -17.88 3.37 6.87
N PHE A 65 -17.41 4.48 6.29
CA PHE A 65 -18.32 5.51 5.81
C PHE A 65 -19.05 5.12 4.53
N PHE A 66 -18.30 4.62 3.54
CA PHE A 66 -18.86 4.29 2.24
C PHE A 66 -19.44 2.87 2.20
N GLY A 67 -19.18 2.09 3.24
CA GLY A 67 -19.69 0.73 3.32
C GLY A 67 -18.93 -0.22 2.40
N THR A 68 -17.66 0.07 2.18
CA THR A 68 -16.80 -0.79 1.36
C THR A 68 -15.85 -1.57 2.25
N THR A 69 -14.85 -2.19 1.63
CA THR A 69 -13.77 -2.81 2.37
C THR A 69 -12.59 -1.85 2.41
N PRO A 70 -11.73 -1.95 3.43
CA PRO A 70 -10.52 -1.14 3.42
C PRO A 70 -9.57 -1.60 2.32
N GLU A 71 -9.65 -2.88 1.95
CA GLU A 71 -8.82 -3.43 0.89
C GLU A 71 -9.06 -2.71 -0.44
N PHE A 72 -10.31 -2.35 -0.70
CA PHE A 72 -10.67 -1.64 -1.92
C PHE A 72 -9.87 -0.37 -2.09
N TRP A 73 -9.78 0.42 -1.02
CA TRP A 73 -9.10 1.71 -1.08
C TRP A 73 -7.59 1.59 -1.15
N LEU A 74 -7.04 0.61 -0.43
CA LEU A 74 -5.60 0.39 -0.46
C LEU A 74 -5.14 -0.15 -1.80
N ASN A 75 -5.98 -0.98 -2.42
CA ASN A 75 -5.69 -1.51 -3.75
C ASN A 75 -5.71 -0.43 -4.83
N LEU A 76 -6.54 0.59 -4.62
CA LEU A 76 -6.53 1.75 -5.50
C LEU A 76 -5.20 2.48 -5.40
N GLN A 77 -4.70 2.61 -4.18
CA GLN A 77 -3.42 3.26 -3.95
C GLN A 77 -2.28 2.42 -4.53
N ASP A 78 -2.37 1.11 -4.36
CA ASP A 78 -1.37 0.19 -4.91
C ASP A 78 -1.28 0.33 -6.42
N ALA A 79 -2.43 0.28 -7.08
CA ALA A 79 -2.50 0.40 -8.52
C ALA A 79 -1.81 1.67 -8.99
N TYR A 80 -2.08 2.76 -8.30
CA TYR A 80 -1.48 4.05 -8.63
C TYR A 80 0.03 4.04 -8.38
N ASP A 81 0.43 3.51 -7.22
CA ASP A 81 1.84 3.43 -6.87
C ASP A 81 2.63 2.60 -7.87
N ILE A 82 2.06 1.47 -8.29
CA ILE A 82 2.71 0.60 -9.24
C ILE A 82 2.94 1.30 -10.58
N LYS A 83 1.91 1.97 -11.09
CA LYS A 83 2.02 2.65 -12.37
C LYS A 83 3.01 3.81 -12.31
N MSE A 84 3.04 4.51 -11.18
CA MSE A 84 4.00 5.60 -10.98
C MSE A 84 5.42 5.04 -10.91
O MSE A 84 6.35 5.62 -11.45
CB MSE A 84 3.68 6.39 -9.71
CG MSE A 84 2.40 7.20 -9.78
SE MSE A 84 2.48 8.63 -11.11
CE MSE A 84 3.96 9.66 -10.36
N ALA A 85 5.57 3.89 -10.24
CA ALA A 85 6.87 3.25 -10.11
C ALA A 85 7.37 2.75 -11.46
N LEU A 86 6.45 2.27 -12.29
CA LEU A 86 6.80 1.79 -13.63
C LEU A 86 7.28 2.92 -14.52
N LYS A 87 6.62 4.08 -14.40
CA LYS A 87 7.00 5.25 -15.18
C LYS A 87 8.39 5.75 -14.76
N LYS A 88 8.66 5.70 -13.46
CA LYS A 88 9.90 6.23 -12.91
C LYS A 88 11.09 5.28 -13.07
N SER A 89 10.84 3.98 -12.95
CA SER A 89 11.93 3.02 -12.89
C SER A 89 11.69 1.72 -13.65
N GLY A 90 10.55 1.62 -14.32
CA GLY A 90 10.20 0.41 -15.05
C GLY A 90 11.32 -0.17 -15.90
N LYS A 91 11.87 0.65 -16.78
CA LYS A 91 12.93 0.20 -17.69
C LYS A 91 14.19 -0.23 -16.93
N LYS A 92 14.60 0.59 -15.96
CA LYS A 92 15.80 0.29 -15.18
C LYS A 92 15.67 -1.03 -14.43
N ILE A 93 14.47 -1.31 -13.92
CA ILE A 93 14.22 -2.54 -13.19
C ILE A 93 14.31 -3.76 -14.12
N GLU A 94 13.87 -3.60 -15.36
CA GLU A 94 13.96 -4.66 -16.35
C GLU A 94 15.41 -5.01 -16.68
N LYS A 95 16.28 -4.01 -16.64
CA LYS A 95 17.69 -4.21 -16.96
C LYS A 95 18.49 -4.64 -15.74
N GLU A 96 18.06 -4.21 -14.55
CA GLU A 96 18.80 -4.46 -13.33
C GLU A 96 18.46 -5.80 -12.67
N VAL A 97 17.18 -6.07 -12.52
CA VAL A 97 16.74 -7.18 -11.67
C VAL A 97 16.81 -8.55 -12.32
N THR A 98 17.59 -9.43 -11.70
CA THR A 98 17.76 -10.80 -12.16
C THR A 98 16.45 -11.58 -12.13
N PRO A 99 15.95 -11.97 -13.31
CA PRO A 99 14.81 -12.88 -13.32
C PRO A 99 15.26 -14.26 -12.86
N TYR A 100 14.80 -14.68 -11.69
CA TYR A 100 15.27 -15.92 -11.09
C TYR A 100 14.66 -17.14 -11.76
N ARG B 10 -4.13 -12.97 12.53
CA ARG B 10 -2.71 -12.95 12.81
C ARG B 10 -1.96 -12.07 11.81
N PRO B 11 -1.29 -11.03 12.31
CA PRO B 11 -0.56 -10.08 11.47
C PRO B 11 0.76 -10.64 10.95
N ILE B 12 0.80 -10.97 9.66
CA ILE B 12 2.01 -11.48 9.05
C ILE B 12 2.67 -10.41 8.18
N HIS B 13 3.86 -9.97 8.57
CA HIS B 13 4.59 -9.01 7.77
C HIS B 13 5.15 -9.71 6.53
N PRO B 14 5.08 -9.02 5.38
CA PRO B 14 5.55 -9.60 4.11
C PRO B 14 7.01 -10.05 4.19
N GLY B 15 7.79 -9.41 5.06
CA GLY B 15 9.17 -9.77 5.26
C GLY B 15 9.34 -11.20 5.77
N GLU B 16 8.34 -11.65 6.53
CA GLU B 16 8.35 -13.01 7.07
C GLU B 16 8.22 -14.03 5.94
N ILE B 17 7.36 -13.73 4.98
N ILE B 17 7.37 -13.73 4.97
CA ILE B 17 7.17 -14.60 3.82
CA ILE B 17 7.17 -14.61 3.82
C ILE B 17 8.39 -14.56 2.91
C ILE B 17 8.35 -14.55 2.87
N LEU B 18 8.98 -13.38 2.76
CA LEU B 18 10.17 -13.22 1.96
C LEU B 18 11.31 -14.07 2.54
N ALA B 19 11.45 -14.02 3.86
CA ALA B 19 12.48 -14.78 4.55
C ALA B 19 12.32 -16.29 4.32
N GLU B 20 11.08 -16.77 4.43
CA GLU B 20 10.81 -18.19 4.20
C GLU B 20 11.21 -18.63 2.80
N GLU B 21 10.88 -17.80 1.81
CA GLU B 21 11.21 -18.10 0.43
C GLU B 21 12.72 -18.09 0.19
N LEU B 22 13.41 -17.15 0.85
CA LEU B 22 14.85 -17.03 0.71
C LEU B 22 15.58 -18.29 1.19
N GLY B 23 15.00 -18.96 2.17
CA GLY B 23 15.60 -20.15 2.74
C GLY B 23 15.75 -21.29 1.75
N PHE B 24 14.99 -21.24 0.66
CA PHE B 24 15.01 -22.30 -0.34
C PHE B 24 15.93 -21.99 -1.52
N LEU B 25 16.55 -20.82 -1.50
CA LEU B 25 17.48 -20.43 -2.56
C LEU B 25 18.91 -20.59 -2.08
N ASP B 26 19.27 -21.82 -1.72
N ASP B 26 19.27 -21.82 -1.73
CA ASP B 26 20.58 -22.13 -1.18
CA ASP B 26 20.61 -22.11 -1.19
C ASP B 26 20.92 -21.20 -0.02
C ASP B 26 20.93 -21.19 -0.01
N LYS B 27 19.97 -21.01 0.88
CA LYS B 27 20.12 -20.12 2.03
C LYS B 27 20.74 -18.78 1.64
N MSE B 28 20.02 -18.04 0.80
CA MSE B 28 20.48 -16.75 0.32
C MSE B 28 20.45 -15.71 1.43
O MSE B 28 19.50 -15.65 2.21
CB MSE B 28 19.61 -16.29 -0.85
CG MSE B 28 20.06 -14.98 -1.48
SE MSE B 28 19.01 -14.55 -3.07
CE MSE B 28 19.57 -16.02 -4.22
N SER B 29 21.51 -14.92 1.51
CA SER B 29 21.60 -13.87 2.52
C SER B 29 20.91 -12.61 2.05
N ALA B 30 20.64 -11.70 2.98
CA ALA B 30 20.00 -10.43 2.64
C ALA B 30 20.87 -9.66 1.66
N ASN B 31 22.18 -9.67 1.90
CA ASN B 31 23.12 -8.97 1.03
C ASN B 31 23.09 -9.50 -0.40
N GLN B 32 23.00 -10.82 -0.54
CA GLN B 32 22.94 -11.45 -1.85
C GLN B 32 21.65 -11.09 -2.58
N LEU B 33 20.53 -11.10 -1.85
CA LEU B 33 19.24 -10.72 -2.41
C LEU B 33 19.25 -9.26 -2.82
N ALA B 34 19.83 -8.41 -1.96
CA ALA B 34 19.92 -6.98 -2.23
C ALA B 34 20.65 -6.73 -3.54
N LYS B 35 21.65 -7.55 -3.83
CA LYS B 35 22.39 -7.44 -5.08
C LYS B 35 21.51 -7.80 -6.28
N HIS B 36 20.74 -8.89 -6.14
CA HIS B 36 19.86 -9.33 -7.21
C HIS B 36 18.77 -8.32 -7.51
N LEU B 37 18.25 -7.68 -6.48
CA LEU B 37 17.18 -6.71 -6.63
C LEU B 37 17.73 -5.32 -6.96
N ALA B 38 19.04 -5.16 -6.81
CA ALA B 38 19.70 -3.89 -7.07
C ALA B 38 19.20 -2.78 -6.15
N ILE B 39 19.08 -3.11 -4.86
CA ILE B 39 18.74 -2.13 -3.84
C ILE B 39 19.67 -2.29 -2.64
N PRO B 40 19.71 -1.29 -1.74
CA PRO B 40 20.60 -1.35 -0.59
C PRO B 40 20.30 -2.54 0.32
N THR B 41 21.34 -3.15 0.88
CA THR B 41 21.17 -4.29 1.78
C THR B 41 20.36 -3.90 3.00
N ASN B 42 20.52 -2.66 3.44
CA ASN B 42 19.81 -2.15 4.61
C ASN B 42 18.30 -2.19 4.43
N ARG B 43 17.86 -1.98 3.19
CA ARG B 43 16.44 -1.98 2.87
C ARG B 43 15.88 -3.41 2.94
N VAL B 44 16.63 -4.36 2.42
CA VAL B 44 16.23 -5.76 2.45
C VAL B 44 16.18 -6.29 3.88
N THR B 45 17.21 -5.96 4.67
CA THR B 45 17.28 -6.38 6.06
C THR B 45 16.11 -5.82 6.87
N ALA B 46 15.81 -4.53 6.65
CA ALA B 46 14.71 -3.88 7.35
C ALA B 46 13.38 -4.56 7.02
N ILE B 47 13.19 -4.91 5.75
CA ILE B 47 11.98 -5.60 5.31
C ILE B 47 11.88 -6.98 5.94
N LEU B 48 12.98 -7.73 5.90
CA LEU B 48 13.02 -9.06 6.50
C LEU B 48 12.68 -9.00 7.98
N ASN B 49 13.16 -7.96 8.65
CA ASN B 49 12.93 -7.79 10.09
C ASN B 49 11.56 -7.17 10.40
N GLY B 50 10.82 -6.84 9.36
CA GLY B 50 9.49 -6.25 9.53
C GLY B 50 9.54 -4.85 10.10
N ALA B 51 10.64 -4.14 9.82
CA ALA B 51 10.81 -2.78 10.31
C ALA B 51 10.51 -1.75 9.22
N ARG B 52 10.34 -2.23 8.00
CA ARG B 52 10.07 -1.36 6.87
C ARG B 52 9.01 -1.97 5.95
N SER B 53 8.22 -1.11 5.32
CA SER B 53 7.15 -1.57 4.44
C SER B 53 7.64 -1.78 3.01
N ILE B 54 6.95 -2.63 2.27
CA ILE B 54 7.26 -2.86 0.87
C ILE B 54 6.57 -1.82 0.00
N THR B 55 7.36 -1.05 -0.73
CA THR B 55 6.82 -0.05 -1.64
C THR B 55 6.56 -0.70 -3.00
N ALA B 56 5.88 0.04 -3.88
CA ALA B 56 5.62 -0.45 -5.22
C ALA B 56 6.91 -0.77 -5.95
N ASP B 57 7.92 0.08 -5.77
CA ASP B 57 9.22 -0.14 -6.38
C ASP B 57 9.84 -1.47 -5.94
N THR B 58 9.76 -1.74 -4.64
CA THR B 58 10.26 -3.00 -4.11
C THR B 58 9.43 -4.18 -4.60
N ALA B 59 8.11 -3.99 -4.63
CA ALA B 59 7.20 -5.03 -5.08
C ALA B 59 7.48 -5.44 -6.52
N LEU B 60 7.81 -4.48 -7.36
CA LEU B 60 8.13 -4.75 -8.76
C LEU B 60 9.39 -5.59 -8.90
N ARG B 61 10.38 -5.30 -8.07
CA ARG B 61 11.64 -6.02 -8.11
C ARG B 61 11.48 -7.44 -7.57
N LEU B 62 10.67 -7.59 -6.53
CA LEU B 62 10.36 -8.91 -5.99
C LEU B 62 9.58 -9.73 -7.01
N ALA B 63 8.63 -9.08 -7.68
CA ALA B 63 7.82 -9.74 -8.70
C ALA B 63 8.71 -10.28 -9.81
N LYS B 64 9.64 -9.45 -10.28
CA LYS B 64 10.57 -9.84 -11.33
C LYS B 64 11.46 -10.99 -10.86
N PHE B 65 11.99 -10.87 -9.65
CA PHE B 65 12.92 -11.85 -9.13
C PHE B 65 12.25 -13.19 -8.82
N PHE B 66 11.11 -13.15 -8.15
CA PHE B 66 10.43 -14.38 -7.72
C PHE B 66 9.44 -14.92 -8.73
N GLY B 67 9.18 -14.16 -9.79
CA GLY B 67 8.23 -14.58 -10.80
C GLY B 67 6.79 -14.52 -10.30
N THR B 68 6.46 -13.41 -9.63
CA THR B 68 5.09 -13.17 -9.18
C THR B 68 4.60 -11.84 -9.75
N THR B 69 3.42 -11.42 -9.32
CA THR B 69 2.93 -10.08 -9.63
C THR B 69 3.37 -9.14 -8.50
N PRO B 70 3.45 -7.84 -8.81
CA PRO B 70 3.77 -6.88 -7.74
C PRO B 70 2.63 -6.77 -6.74
N GLU B 71 1.40 -6.99 -7.20
CA GLU B 71 0.23 -6.90 -6.33
C GLU B 71 0.27 -7.95 -5.22
N PHE B 72 0.81 -9.13 -5.55
CA PHE B 72 0.89 -10.21 -4.58
C PHE B 72 1.59 -9.77 -3.29
N TRP B 73 2.65 -8.97 -3.45
CA TRP B 73 3.43 -8.51 -2.31
C TRP B 73 2.77 -7.32 -1.62
N LEU B 74 2.28 -6.37 -2.41
CA LEU B 74 1.62 -5.19 -1.86
C LEU B 74 0.36 -5.59 -1.08
N ASN B 75 -0.31 -6.64 -1.54
CA ASN B 75 -1.47 -7.17 -0.85
C ASN B 75 -1.13 -7.65 0.55
N LEU B 76 0.01 -8.33 0.68
CA LEU B 76 0.48 -8.80 1.97
C LEU B 76 0.81 -7.63 2.89
N GLN B 77 1.38 -6.58 2.32
CA GLN B 77 1.71 -5.38 3.08
C GLN B 77 0.43 -4.70 3.54
N ASP B 78 -0.57 -4.61 2.65
CA ASP B 78 -1.84 -4.01 2.99
C ASP B 78 -2.53 -4.76 4.13
N ALA B 79 -2.55 -6.07 4.03
CA ALA B 79 -3.18 -6.91 5.04
C ALA B 79 -2.55 -6.66 6.40
N TYR B 80 -1.23 -6.57 6.41
CA TYR B 80 -0.48 -6.29 7.64
C TYR B 80 -0.80 -4.89 8.16
N ASP B 81 -0.79 -3.91 7.26
CA ASP B 81 -1.08 -2.52 7.61
C ASP B 81 -2.47 -2.38 8.21
N ILE B 82 -3.43 -3.09 7.63
CA ILE B 82 -4.82 -3.03 8.09
C ILE B 82 -4.96 -3.57 9.51
N LYS B 83 -4.34 -4.73 9.77
CA LYS B 83 -4.41 -5.34 11.09
C LYS B 83 -3.72 -4.49 12.16
N MSE B 84 -2.59 -3.87 11.80
CA MSE B 84 -1.89 -2.99 12.73
C MSE B 84 -2.73 -1.74 13.02
O MSE B 84 -2.79 -1.28 14.16
CB MSE B 84 -0.52 -2.58 12.18
CG MSE B 84 0.51 -3.70 12.11
SE MSE B 84 0.97 -4.42 13.86
CE MSE B 84 1.97 -2.88 14.53
N ALA B 85 -3.39 -1.22 12.00
CA ALA B 85 -4.23 -0.04 12.15
C ALA B 85 -5.46 -0.36 13.01
N LEU B 86 -6.01 -1.55 12.83
CA LEU B 86 -7.14 -2.00 13.63
C LEU B 86 -6.74 -2.16 15.08
N LYS B 87 -5.54 -2.69 15.31
CA LYS B 87 -5.03 -2.87 16.66
C LYS B 87 -4.86 -1.52 17.34
N LYS B 88 -4.36 -0.55 16.58
CA LYS B 88 -4.06 0.77 17.12
C LYS B 88 -5.29 1.66 17.28
N SER B 89 -6.18 1.65 16.28
CA SER B 89 -7.26 2.63 16.24
C SER B 89 -8.62 2.02 15.88
N GLY B 90 -8.72 0.70 15.86
CA GLY B 90 -9.93 0.02 15.47
C GLY B 90 -11.18 0.47 16.21
N LYS B 91 -11.13 0.42 17.55
CA LYS B 91 -12.27 0.79 18.37
C LYS B 91 -12.60 2.26 18.22
N LYS B 92 -11.56 3.08 18.08
CA LYS B 92 -11.72 4.52 17.90
C LYS B 92 -12.47 4.85 16.61
N ILE B 93 -12.08 4.19 15.52
CA ILE B 93 -12.69 4.42 14.22
C ILE B 93 -14.15 3.96 14.20
N GLU B 94 -14.42 2.81 14.81
CA GLU B 94 -15.79 2.29 14.89
C GLU B 94 -16.73 3.27 15.58
N LYS B 95 -16.20 3.98 16.57
CA LYS B 95 -17.01 4.92 17.36
C LYS B 95 -17.18 6.27 16.67
N GLU B 96 -16.12 6.73 16.00
CA GLU B 96 -16.08 8.08 15.45
C GLU B 96 -16.75 8.23 14.08
N VAL B 97 -16.69 7.17 13.27
CA VAL B 97 -17.14 7.27 11.88
C VAL B 97 -18.61 6.91 11.70
N THR B 98 -19.35 7.80 11.06
CA THR B 98 -20.76 7.60 10.76
C THR B 98 -20.92 7.00 9.36
N PRO B 99 -21.45 5.78 9.28
CA PRO B 99 -21.76 5.20 7.97
C PRO B 99 -22.74 6.09 7.23
N TYR B 100 -22.46 6.37 5.96
CA TYR B 100 -23.32 7.26 5.17
C TYR B 100 -24.77 6.83 5.21
N ASP B 101 -25.00 5.51 5.21
CA ASP B 101 -26.36 4.96 5.21
C ASP B 101 -27.16 5.43 6.42
#